data_5WWL
#
_entry.id   5WWL
#
_cell.length_a   41.500
_cell.length_b   85.610
_cell.length_c   123.790
_cell.angle_alpha   90.00
_cell.angle_beta   90.00
_cell.angle_gamma   90.00
#
_symmetry.space_group_name_H-M   'P 21 21 2'
#
loop_
_entity.id
_entity.type
_entity.pdbx_description
1 polymer 'Centromere protein mis12'
2 polymer 'Kinetochore protein nnf1'
#
loop_
_entity_poly.entity_id
_entity_poly.type
_entity_poly.pdbx_seq_one_letter_code
_entity_poly.pdbx_strand_id
1 'polypeptide(L)'
;MLVELLEFTPLSFIDDVINITNQLLYKGVNGVDKAFSQTRFAKKAPQEIEEGLHKFEVLFESVVDRYYDGFEVYTLRNIF
SYPPELKGYMRTFGKDVDYSITTEQDAAMDQAIQEAAEKLVVKMQLRRDLRMRLSRKREKKTEIEKHLERISFLNKVPEN
WQVTLPETTDFLLDQLGNLQHAVKRVVEASPTVHSREVDERITYLEKGYERLSNP
;
M
2 'polypeptide(L)'
;MTSRKEQLDAFLSRTLSETIAHIPLEKFAQCFPSMKKGKVIAVIHQQLIEFFEKSCKQEYANLIKERDLNKKLDMLDECI
HDAEFRKLHGESEVDISNKQPQEILKAHLYSHKRELLDKLNQDLLDIDKENEGLSTQIAAEEKATEDCISRMQSLIQKLE
KTVYGMNEKNLAKEA
;
N
#
# COMPACT_ATOMS: atom_id res chain seq x y z
N LEU A 2 28.41 -15.32 9.44
CA LEU A 2 28.24 -16.17 8.22
C LEU A 2 26.85 -16.75 8.21
N VAL A 3 26.48 -17.46 9.30
CA VAL A 3 25.17 -18.15 9.37
C VAL A 3 23.95 -17.24 9.45
N GLU A 4 24.12 -15.98 9.88
CA GLU A 4 23.06 -14.99 9.72
C GLU A 4 22.81 -14.84 8.20
N LEU A 5 23.87 -14.49 7.50
CA LEU A 5 23.88 -14.41 6.05
C LEU A 5 23.30 -15.63 5.34
N LEU A 6 23.61 -16.83 5.81
CA LEU A 6 23.21 -18.03 5.10
C LEU A 6 21.79 -18.47 5.37
N GLU A 7 21.39 -18.37 6.64
CA GLU A 7 20.12 -18.94 7.07
C GLU A 7 18.99 -17.94 7.24
N PHE A 8 19.30 -16.65 7.29
CA PHE A 8 18.32 -15.60 7.62
C PHE A 8 18.20 -14.47 6.57
N THR A 9 19.34 -13.91 6.16
CA THR A 9 19.39 -12.93 5.08
C THR A 9 18.61 -13.28 3.80
N PRO A 10 18.72 -14.54 3.31
CA PRO A 10 17.95 -14.83 2.10
C PRO A 10 16.43 -14.74 2.28
N LEU A 11 15.92 -15.01 3.48
CA LEU A 11 14.50 -15.26 3.72
C LEU A 11 13.63 -14.06 3.43
N SER A 12 13.98 -12.91 3.98
CA SER A 12 13.16 -11.70 3.77
C SER A 12 13.27 -11.20 2.32
N PHE A 13 14.41 -11.45 1.69
CA PHE A 13 14.53 -11.16 0.28
C PHE A 13 13.59 -12.01 -0.57
N ILE A 14 13.52 -13.32 -0.29
CA ILE A 14 12.73 -14.27 -1.07
C ILE A 14 11.25 -13.99 -0.91
N ASP A 15 10.83 -13.83 0.34
CA ASP A 15 9.47 -13.53 0.73
C ASP A 15 9.01 -12.31 -0.04
N ASP A 16 9.80 -11.24 -0.01
CA ASP A 16 9.47 -10.00 -0.70
C ASP A 16 9.32 -10.16 -2.23
N VAL A 17 10.20 -10.92 -2.83
CA VAL A 17 10.22 -11.08 -4.28
C VAL A 17 8.98 -11.84 -4.72
N ILE A 18 8.70 -12.95 -4.06
CA ILE A 18 7.56 -13.79 -4.40
C ILE A 18 6.25 -13.05 -4.12
N ASN A 19 6.20 -12.33 -3.03
CA ASN A 19 4.97 -11.69 -2.58
C ASN A 19 4.61 -10.56 -3.54
N ILE A 20 5.62 -9.81 -3.99
CA ILE A 20 5.43 -8.69 -4.91
C ILE A 20 5.11 -9.20 -6.31
N THR A 21 5.72 -10.29 -6.71
CA THR A 21 5.32 -10.98 -7.92
C THR A 21 3.84 -11.36 -7.91
N ASN A 22 3.37 -11.99 -6.83
CA ASN A 22 1.95 -12.36 -6.71
C ASN A 22 1.03 -11.16 -6.84
N GLN A 23 1.34 -10.13 -6.07
CA GLN A 23 0.57 -8.90 -6.14
C GLN A 23 0.49 -8.31 -7.54
N LEU A 24 1.58 -8.36 -8.26
CA LEU A 24 1.69 -7.78 -9.58
C LEU A 24 0.91 -8.64 -10.57
N LEU A 25 0.86 -9.96 -10.34
CA LEU A 25 0.09 -10.83 -11.17
C LEU A 25 -1.36 -10.45 -11.06
N TYR A 26 -1.85 -10.22 -9.83
CA TYR A 26 -3.25 -9.79 -9.64
C TYR A 26 -3.58 -8.38 -10.08
N LYS A 27 -2.65 -7.43 -9.96
CA LYS A 27 -2.81 -6.14 -10.65
C LYS A 27 -2.86 -6.34 -12.21
N GLY A 28 -1.99 -7.19 -12.73
CA GLY A 28 -2.02 -7.54 -14.16
C GLY A 28 -3.36 -8.05 -14.65
N VAL A 29 -3.89 -9.07 -13.97
CA VAL A 29 -5.21 -9.63 -14.22
C VAL A 29 -6.35 -8.59 -14.16
N ASN A 30 -6.34 -7.73 -13.15
CA ASN A 30 -7.29 -6.62 -13.02
C ASN A 30 -7.19 -5.61 -14.16
N GLY A 31 -5.96 -5.28 -14.62
CA GLY A 31 -5.78 -4.43 -15.80
C GLY A 31 -6.36 -5.07 -17.03
N VAL A 32 -6.21 -6.38 -17.18
CA VAL A 32 -6.82 -7.12 -18.28
C VAL A 32 -8.34 -7.05 -18.26
N ASP A 33 -8.90 -7.25 -17.08
CA ASP A 33 -10.35 -7.17 -16.97
C ASP A 33 -10.87 -5.78 -17.32
N LYS A 34 -10.22 -4.74 -16.84
CA LYS A 34 -10.56 -3.35 -17.25
C LYS A 34 -10.43 -3.10 -18.74
N ALA A 35 -9.41 -3.63 -19.36
CA ALA A 35 -9.25 -3.51 -20.79
C ALA A 35 -10.38 -4.13 -21.57
N PHE A 36 -10.81 -5.36 -21.19
CA PHE A 36 -11.97 -5.99 -21.79
C PHE A 36 -13.22 -5.13 -21.78
N SER A 37 -13.37 -4.32 -20.75
CA SER A 37 -14.52 -3.39 -20.68
C SER A 37 -14.43 -2.24 -21.67
N GLN A 38 -13.30 -2.05 -22.33
CA GLN A 38 -13.18 -1.09 -23.43
C GLN A 38 -13.52 -1.69 -24.78
N THR A 39 -13.90 -2.95 -24.85
CA THR A 39 -14.09 -3.65 -26.12
C THR A 39 -15.55 -3.93 -26.34
N ARG A 40 -15.90 -4.20 -27.60
CA ARG A 40 -17.31 -4.55 -28.01
C ARG A 40 -17.72 -5.93 -27.46
N PHE A 41 -16.71 -6.76 -27.26
CA PHE A 41 -16.76 -8.11 -26.73
C PHE A 41 -17.32 -8.14 -25.27
N ALA A 42 -17.11 -7.08 -24.48
CA ALA A 42 -17.61 -7.01 -23.08
C ALA A 42 -19.09 -7.31 -22.95
N LYS A 43 -19.85 -6.54 -23.70
CA LYS A 43 -21.29 -6.55 -23.63
C LYS A 43 -21.80 -7.92 -24.13
N LYS A 44 -21.21 -8.41 -25.20
CA LYS A 44 -21.66 -9.66 -25.82
C LYS A 44 -21.39 -10.92 -25.00
N ALA A 45 -20.31 -10.95 -24.22
CA ALA A 45 -19.75 -12.19 -23.69
C ALA A 45 -19.20 -12.09 -22.26
N PRO A 46 -19.98 -11.54 -21.32
CA PRO A 46 -19.52 -11.35 -19.94
C PRO A 46 -19.08 -12.63 -19.24
N GLN A 47 -19.86 -13.71 -19.35
CA GLN A 47 -19.47 -14.96 -18.70
C GLN A 47 -18.24 -15.61 -19.35
N GLU A 48 -18.16 -15.62 -20.66
CA GLU A 48 -16.96 -16.15 -21.31
C GLU A 48 -15.73 -15.38 -20.87
N ILE A 49 -15.83 -14.06 -20.72
CA ILE A 49 -14.69 -13.24 -20.35
C ILE A 49 -14.27 -13.47 -18.92
N GLU A 50 -15.23 -13.50 -18.01
CA GLU A 50 -14.94 -13.77 -16.61
C GLU A 50 -14.34 -15.14 -16.43
N GLU A 51 -14.93 -16.16 -17.03
CA GLU A 51 -14.46 -17.52 -16.83
C GLU A 51 -13.13 -17.81 -17.47
N GLY A 52 -12.93 -17.34 -18.69
CA GLY A 52 -11.63 -17.44 -19.37
C GLY A 52 -10.50 -16.72 -18.63
N LEU A 53 -10.79 -15.51 -18.20
CA LEU A 53 -9.84 -14.74 -17.45
C LEU A 53 -9.57 -15.40 -16.13
N HIS A 54 -10.57 -16.03 -15.52
CA HIS A 54 -10.27 -16.79 -14.33
C HIS A 54 -9.39 -18.03 -14.63
N LYS A 55 -9.64 -18.71 -15.75
CA LYS A 55 -8.82 -19.86 -16.14
C LYS A 55 -7.38 -19.41 -16.38
N PHE A 56 -7.23 -18.22 -16.95
CA PHE A 56 -5.89 -17.73 -17.31
C PHE A 56 -5.13 -17.30 -16.05
N GLU A 57 -5.87 -16.70 -15.14
CA GLU A 57 -5.37 -16.41 -13.81
C GLU A 57 -4.89 -17.65 -13.07
N VAL A 58 -5.68 -18.74 -13.08
CA VAL A 58 -5.28 -20.00 -12.40
C VAL A 58 -3.97 -20.56 -12.96
N LEU A 59 -3.82 -20.48 -14.29
CA LEU A 59 -2.63 -20.89 -14.97
C LEU A 59 -1.45 -19.99 -14.56
N PHE A 60 -1.68 -18.67 -14.61
CA PHE A 60 -0.62 -17.69 -14.39
C PHE A 60 -0.17 -17.91 -12.98
N GLU A 61 -1.08 -18.05 -12.05
CA GLU A 61 -0.72 -18.34 -10.63
C GLU A 61 0.03 -19.65 -10.52
N SER A 62 -0.39 -20.71 -11.22
CA SER A 62 0.37 -21.96 -11.15
C SER A 62 1.79 -21.86 -11.81
N VAL A 63 1.96 -20.98 -12.77
CA VAL A 63 3.28 -20.77 -13.36
C VAL A 63 4.23 -20.02 -12.39
N VAL A 64 3.72 -18.93 -11.83
CA VAL A 64 4.44 -18.19 -10.81
C VAL A 64 4.82 -19.06 -9.63
N ASP A 65 3.87 -19.77 -9.05
CA ASP A 65 4.15 -20.74 -7.97
C ASP A 65 5.26 -21.74 -8.28
N ARG A 66 5.26 -22.33 -9.46
CA ARG A 66 6.27 -23.32 -9.79
C ARG A 66 7.66 -22.67 -9.95
N TYR A 67 7.78 -21.65 -10.79
CA TYR A 67 9.06 -21.00 -11.04
C TYR A 67 9.59 -20.19 -9.88
N TYR A 68 8.72 -19.52 -9.15
CA TYR A 68 9.21 -18.81 -7.96
C TYR A 68 9.54 -19.70 -6.78
N ASP A 69 9.02 -20.93 -6.74
CA ASP A 69 9.48 -21.93 -5.82
C ASP A 69 10.87 -22.44 -6.24
N GLY A 70 11.04 -22.69 -7.55
CA GLY A 70 12.34 -22.94 -8.14
C GLY A 70 13.32 -21.86 -7.83
N PHE A 71 12.87 -20.61 -7.91
CA PHE A 71 13.68 -19.49 -7.48
C PHE A 71 14.01 -19.53 -5.99
N GLU A 72 13.06 -19.86 -5.14
CA GLU A 72 13.32 -19.92 -3.67
C GLU A 72 14.38 -20.97 -3.31
N VAL A 73 14.37 -22.09 -4.01
CA VAL A 73 15.19 -23.24 -3.71
C VAL A 73 16.63 -22.95 -4.03
N TYR A 74 16.82 -22.49 -5.25
CA TYR A 74 18.12 -22.19 -5.77
C TYR A 74 18.81 -21.02 -5.03
N THR A 75 18.09 -20.06 -4.49
CA THR A 75 18.83 -19.04 -3.78
C THR A 75 19.24 -19.52 -2.36
N LEU A 76 18.36 -20.28 -1.70
CA LEU A 76 18.66 -20.88 -0.40
C LEU A 76 19.75 -21.96 -0.51
N ARG A 77 19.70 -22.78 -1.55
CA ARG A 77 20.62 -23.92 -1.67
C ARG A 77 21.85 -23.70 -2.52
N ASN A 78 21.84 -22.77 -3.49
CA ASN A 78 23.00 -22.58 -4.35
C ASN A 78 23.71 -21.26 -4.19
N ILE A 79 22.97 -20.17 -4.00
CA ILE A 79 23.55 -18.87 -3.81
C ILE A 79 23.89 -18.66 -2.33
N PHE A 80 22.96 -18.91 -1.42
CA PHE A 80 23.21 -18.67 0.03
C PHE A 80 23.62 -20.01 0.65
N SER A 81 24.71 -20.55 0.13
CA SER A 81 25.34 -21.77 0.60
C SER A 81 26.86 -21.66 0.32
N TYR A 82 27.62 -22.68 0.69
CA TYR A 82 29.10 -22.77 0.48
C TYR A 82 29.54 -24.22 0.59
N PRO A 83 30.75 -24.56 0.10
CA PRO A 83 31.15 -25.96 0.20
C PRO A 83 31.49 -26.27 1.68
N PRO A 84 30.74 -27.22 2.32
CA PRO A 84 30.95 -27.47 3.75
C PRO A 84 32.30 -28.12 4.13
N GLU A 85 33.08 -28.57 3.14
CA GLU A 85 34.47 -28.94 3.40
C GLU A 85 35.37 -27.73 3.79
N LEU A 86 35.00 -26.54 3.37
CA LEU A 86 35.72 -25.33 3.79
C LEU A 86 35.35 -24.82 5.17
N LYS A 87 34.38 -25.47 5.85
CA LYS A 87 34.00 -25.09 7.22
C LYS A 87 35.25 -24.84 8.05
N GLY A 88 36.12 -25.85 8.11
CA GLY A 88 37.34 -25.83 8.93
C GLY A 88 38.55 -25.02 8.47
N TYR A 89 38.43 -24.31 7.34
CA TYR A 89 39.40 -23.30 6.93
C TYR A 89 38.81 -21.90 7.02
N MET A 90 37.53 -21.81 7.43
CA MET A 90 36.81 -20.57 7.29
C MET A 90 37.27 -19.85 8.51
N ARG A 91 37.53 -18.56 8.34
CA ARG A 91 38.17 -17.71 9.34
C ARG A 91 37.39 -17.85 10.65
N THR A 92 38.09 -17.65 11.75
CA THR A 92 37.46 -17.57 13.06
C THR A 92 36.89 -16.16 13.12
N PHE A 93 36.32 -15.73 12.00
CA PHE A 93 35.69 -14.42 11.85
C PHE A 93 36.64 -13.24 11.72
N GLY A 94 37.66 -13.35 10.86
CA GLY A 94 38.51 -12.20 10.60
C GLY A 94 38.70 -11.57 9.23
N LYS A 95 37.61 -11.09 8.61
CA LYS A 95 37.71 -10.07 7.54
C LYS A 95 38.22 -8.78 8.22
N ASP A 96 37.43 -8.33 9.19
CA ASP A 96 37.77 -7.21 10.07
C ASP A 96 39.14 -7.32 10.77
N VAL A 97 39.49 -8.50 11.29
CA VAL A 97 40.62 -8.62 12.26
C VAL A 97 42.00 -8.30 11.69
N ASP A 98 42.20 -8.56 10.40
CA ASP A 98 43.48 -8.30 9.73
C ASP A 98 43.74 -6.80 9.53
N TYR A 99 42.74 -5.96 9.80
CA TYR A 99 42.85 -4.54 9.62
C TYR A 99 42.71 -3.80 10.95
N SER A 100 43.79 -3.12 11.35
CA SER A 100 43.82 -2.38 12.59
C SER A 100 42.72 -1.30 12.59
N ILE A 101 42.21 -1.07 13.78
CA ILE A 101 41.21 -0.07 14.03
C ILE A 101 41.76 0.61 15.24
N THR A 102 41.97 1.91 15.12
CA THR A 102 42.61 2.72 16.17
C THR A 102 41.58 3.09 17.22
N THR A 103 42.02 3.41 18.43
CA THR A 103 41.10 3.84 19.52
C THR A 103 40.38 5.16 19.19
N GLU A 104 41.07 6.05 18.45
CA GLU A 104 40.47 7.30 18.00
C GLU A 104 39.18 7.00 17.25
N GLN A 105 39.29 6.16 16.22
CA GLN A 105 38.15 5.72 15.38
C GLN A 105 37.05 4.86 16.03
N ASP A 106 37.37 4.14 17.11
CA ASP A 106 36.42 3.29 17.83
C ASP A 106 35.48 4.14 18.70
N ALA A 107 36.00 5.27 19.20
CA ALA A 107 35.21 6.26 19.93
C ALA A 107 34.46 7.21 18.98
N ALA A 108 35.01 7.43 17.78
CA ALA A 108 34.35 8.22 16.71
C ALA A 108 33.13 7.50 16.13
N MET A 109 33.19 6.16 16.07
CA MET A 109 32.07 5.38 15.54
C MET A 109 30.96 5.41 16.58
N ASP A 110 31.38 5.29 17.85
CA ASP A 110 30.53 5.56 19.03
C ASP A 110 29.82 6.93 19.03
N GLN A 111 30.46 7.95 18.47
CA GLN A 111 29.86 9.27 18.36
C GLN A 111 28.85 9.26 17.23
N ALA A 112 29.26 8.81 16.06
CA ALA A 112 28.32 8.67 14.92
C ALA A 112 27.08 7.74 15.20
N ILE A 113 27.12 6.90 16.24
CA ILE A 113 25.94 6.13 16.68
C ILE A 113 25.05 6.94 17.65
N GLN A 114 25.66 7.60 18.65
CA GLN A 114 24.91 8.49 19.55
C GLN A 114 24.27 9.67 18.82
N GLU A 115 24.87 10.09 17.71
CA GLU A 115 24.35 11.19 16.91
C GLU A 115 23.12 10.79 16.10
N ALA A 116 23.12 9.59 15.51
CA ALA A 116 21.98 9.09 14.72
C ALA A 116 20.84 8.52 15.59
N ALA A 117 21.15 8.07 16.80
CA ALA A 117 20.14 7.82 17.82
C ALA A 117 19.47 9.10 18.35
N GLU A 118 20.13 10.26 18.29
CA GLU A 118 19.50 11.57 18.56
C GLU A 118 18.55 11.93 17.44
N LYS A 119 18.98 11.78 16.20
CA LYS A 119 18.11 12.13 15.07
C LYS A 119 16.85 11.26 15.10
N LEU A 120 17.01 9.97 15.38
CA LEU A 120 15.90 9.05 15.29
C LEU A 120 14.85 9.30 16.39
N VAL A 121 15.29 9.59 17.61
CA VAL A 121 14.38 9.88 18.73
C VAL A 121 13.48 11.08 18.41
N VAL A 122 14.08 12.14 17.89
CA VAL A 122 13.36 13.33 17.42
C VAL A 122 12.36 12.98 16.34
N LYS A 123 12.80 12.23 15.34
CA LYS A 123 11.90 11.89 14.24
C LYS A 123 10.75 10.97 14.67
N MET A 124 10.99 10.08 15.63
CA MET A 124 9.97 9.19 16.17
C MET A 124 8.87 9.94 16.96
N GLN A 125 9.22 11.11 17.53
CA GLN A 125 8.26 12.04 18.16
C GLN A 125 7.33 12.65 17.15
N LEU A 126 7.91 13.07 16.02
CA LEU A 126 7.13 13.57 14.89
C LEU A 126 6.16 12.54 14.37
N ARG A 127 6.63 11.31 14.16
CA ARG A 127 5.75 10.22 13.73
C ARG A 127 4.55 9.96 14.70
N ARG A 128 4.82 9.98 16.00
CA ARG A 128 3.76 9.88 17.02
C ARG A 128 2.69 10.99 16.90
N ASP A 129 3.12 12.25 17.04
CA ASP A 129 2.32 13.46 16.75
C ASP A 129 1.49 13.33 15.44
N LEU A 130 2.16 13.00 14.33
CA LEU A 130 1.50 12.75 13.01
C LEU A 130 0.54 11.57 12.95
N ARG A 131 0.84 10.47 13.64
CA ARG A 131 -0.05 9.30 13.64
C ARG A 131 -1.35 9.58 14.31
N MET A 132 -1.30 10.37 15.39
CA MET A 132 -2.47 10.74 16.17
C MET A 132 -3.29 11.79 15.45
N ARG A 133 -2.62 12.79 14.85
CA ARG A 133 -3.31 13.72 13.94
C ARG A 133 -4.10 12.96 12.93
N LEU A 134 -3.45 12.10 12.18
CA LEU A 134 -4.16 11.29 11.15
C LEU A 134 -5.28 10.37 11.71
N SER A 135 -5.10 9.84 12.91
CA SER A 135 -6.15 9.05 13.50
C SER A 135 -7.41 9.89 13.72
N ARG A 136 -7.24 11.11 14.23
CA ARG A 136 -8.32 12.08 14.37
C ARG A 136 -9.03 12.46 13.09
N LYS A 137 -8.26 12.92 12.11
CA LYS A 137 -8.81 13.39 10.84
C LYS A 137 -9.56 12.29 10.16
N ARG A 138 -9.12 11.07 10.31
CA ARG A 138 -9.89 9.91 9.82
C ARG A 138 -11.21 9.70 10.50
N GLU A 139 -11.19 9.76 11.82
CA GLU A 139 -12.43 9.62 12.57
C GLU A 139 -13.38 10.72 12.11
N LYS A 140 -12.87 11.93 12.03
CA LYS A 140 -13.69 13.07 11.74
C LYS A 140 -14.32 13.02 10.34
N LYS A 141 -13.55 12.52 9.36
CA LYS A 141 -14.01 12.29 7.98
C LYS A 141 -15.13 11.31 7.99
N THR A 142 -14.87 10.16 8.59
CA THR A 142 -15.90 9.13 8.70
C THR A 142 -17.19 9.61 9.39
N GLU A 143 -17.04 10.43 10.43
CA GLU A 143 -18.19 10.98 11.15
C GLU A 143 -18.98 11.91 10.23
N ILE A 144 -18.28 12.78 9.53
CA ILE A 144 -18.91 13.74 8.66
C ILE A 144 -19.58 13.09 7.47
N GLU A 145 -18.94 12.12 6.81
CA GLU A 145 -19.65 11.30 5.80
C GLU A 145 -20.92 10.66 6.38
N LYS A 146 -20.88 10.13 7.59
CA LYS A 146 -22.10 9.54 8.21
C LYS A 146 -23.23 10.62 8.28
N HIS A 147 -22.89 11.83 8.73
CA HIS A 147 -23.82 12.96 8.77
C HIS A 147 -24.32 13.41 7.41
N LEU A 148 -23.46 13.44 6.42
CA LEU A 148 -23.83 13.81 5.06
C LEU A 148 -24.85 12.80 4.55
N GLU A 149 -24.58 11.52 4.71
CA GLU A 149 -25.57 10.49 4.35
C GLU A 149 -26.91 10.70 5.03
N ARG A 150 -26.93 11.02 6.32
CA ARG A 150 -28.20 11.29 6.99
C ARG A 150 -29.05 12.45 6.39
N ILE A 151 -28.43 13.56 5.98
CA ILE A 151 -29.22 14.67 5.44
C ILE A 151 -29.58 14.41 3.99
N SER A 152 -28.70 13.70 3.27
CA SER A 152 -28.97 13.27 1.89
C SER A 152 -30.22 12.43 1.92
N PHE A 153 -30.28 11.49 2.85
CA PHE A 153 -31.50 10.70 2.99
C PHE A 153 -32.74 11.54 3.21
N LEU A 154 -32.62 12.57 4.05
CA LEU A 154 -33.73 13.51 4.27
C LEU A 154 -34.10 14.25 3.01
N ASN A 155 -33.11 14.57 2.18
CA ASN A 155 -33.35 15.14 0.86
C ASN A 155 -34.09 14.20 -0.17
N LYS A 156 -33.97 12.88 -0.02
CA LYS A 156 -34.64 11.90 -0.91
C LYS A 156 -35.97 11.37 -0.39
N VAL A 157 -36.42 11.86 0.77
CA VAL A 157 -37.74 11.53 1.28
C VAL A 157 -38.79 12.20 0.37
N PRO A 158 -39.90 11.50 0.07
CA PRO A 158 -40.99 12.13 -0.67
C PRO A 158 -42.13 12.56 0.26
N GLU A 159 -42.77 13.68 -0.08
CA GLU A 159 -43.93 14.17 0.68
C GLU A 159 -45.00 13.14 0.35
N ASN A 160 -45.41 12.34 1.32
CA ASN A 160 -46.39 11.27 1.07
C ASN A 160 -47.83 11.73 1.31
N TRP A 161 -48.09 12.94 0.77
CA TRP A 161 -49.37 13.66 0.55
C TRP A 161 -50.53 13.89 1.57
N GLN A 162 -50.24 13.93 2.88
CA GLN A 162 -51.31 14.19 3.90
C GLN A 162 -51.05 15.37 4.89
N VAL A 163 -51.32 16.63 4.49
CA VAL A 163 -51.30 17.83 5.40
C VAL A 163 -50.42 18.52 6.45
N THR A 164 -49.13 18.68 6.15
CA THR A 164 -48.19 19.21 7.13
C THR A 164 -48.46 20.38 8.09
N LEU A 165 -48.34 20.11 9.40
CA LEU A 165 -48.52 21.12 10.46
C LEU A 165 -47.44 22.26 10.44
N PRO A 166 -47.86 23.56 10.49
CA PRO A 166 -46.90 24.66 10.46
C PRO A 166 -45.89 24.76 11.61
N GLU A 167 -46.22 24.19 12.77
CA GLU A 167 -45.29 24.13 13.92
C GLU A 167 -44.13 23.21 13.64
N THR A 168 -44.37 22.17 12.84
CA THR A 168 -43.31 21.22 12.54
C THR A 168 -42.38 21.81 11.46
N THR A 169 -42.94 22.37 10.40
CA THR A 169 -42.15 23.04 9.36
C THR A 169 -41.34 24.24 9.86
N ASP A 170 -41.84 24.99 10.83
CA ASP A 170 -41.02 26.07 11.43
C ASP A 170 -39.90 25.53 12.35
N PHE A 171 -40.19 24.42 12.99
CA PHE A 171 -39.21 23.74 13.79
C PHE A 171 -38.10 23.18 12.86
N LEU A 172 -38.46 22.59 11.71
CA LEU A 172 -37.42 22.13 10.74
C LEU A 172 -36.55 23.27 10.26
N LEU A 173 -37.15 24.36 9.82
CA LEU A 173 -36.42 25.59 9.39
C LEU A 173 -35.49 26.17 10.45
N ASP A 174 -35.97 26.22 11.67
CA ASP A 174 -35.12 26.67 12.77
C ASP A 174 -33.93 25.73 13.00
N GLN A 175 -34.14 24.42 12.96
CA GLN A 175 -33.03 23.48 13.10
C GLN A 175 -32.05 23.51 11.93
N LEU A 176 -32.54 23.68 10.70
CA LEU A 176 -31.67 23.82 9.53
C LEU A 176 -30.73 25.01 9.69
N GLY A 177 -31.32 26.15 10.07
CA GLY A 177 -30.56 27.34 10.39
C GLY A 177 -29.43 27.05 11.36
N ASN A 178 -29.75 26.41 12.48
CA ASN A 178 -28.73 26.10 13.49
C ASN A 178 -27.67 25.11 13.03
N LEU A 179 -28.05 24.20 12.14
CA LEU A 179 -27.15 23.21 11.56
C LEU A 179 -26.15 23.85 10.62
N GLN A 180 -26.55 24.92 9.93
CA GLN A 180 -25.57 25.70 9.10
C GLN A 180 -24.46 26.24 9.94
N HIS A 181 -24.84 26.88 11.04
CA HIS A 181 -23.88 27.41 12.02
C HIS A 181 -23.00 26.33 12.61
N ALA A 182 -23.58 25.17 12.95
CA ALA A 182 -22.80 24.08 13.55
C ALA A 182 -21.86 23.43 12.56
N VAL A 183 -22.30 23.28 11.31
CA VAL A 183 -21.46 22.69 10.27
C VAL A 183 -20.33 23.63 9.91
N LYS A 184 -20.60 24.92 10.00
CA LYS A 184 -19.59 25.96 9.81
C LYS A 184 -18.51 25.95 10.90
N ARG A 185 -18.90 25.77 12.15
CA ARG A 185 -17.97 25.56 13.29
C ARG A 185 -17.10 24.29 13.18
N VAL A 186 -17.55 23.25 12.49
CA VAL A 186 -16.73 22.06 12.30
C VAL A 186 -15.56 22.40 11.40
N VAL A 187 -15.84 23.10 10.32
CA VAL A 187 -14.81 23.42 9.31
C VAL A 187 -13.73 24.40 9.80
N GLU A 188 -14.08 25.31 10.71
CA GLU A 188 -13.17 26.40 11.10
C GLU A 188 -12.34 26.11 12.35
N ALA A 189 -12.30 24.86 12.84
CA ALA A 189 -11.83 24.58 14.23
C ALA A 189 -11.38 23.12 14.46
N SER A 190 -10.83 22.82 15.62
CA SER A 190 -9.86 21.73 15.58
C SER A 190 -10.60 20.46 15.67
N PRO A 191 -10.29 19.42 14.92
CA PRO A 191 -11.29 18.34 15.12
C PRO A 191 -11.52 17.48 16.39
N THR A 192 -12.75 17.44 16.88
CA THR A 192 -13.09 16.82 18.17
C THR A 192 -13.47 15.36 17.94
N VAL A 193 -13.60 14.56 19.00
CA VAL A 193 -14.04 13.16 18.83
C VAL A 193 -15.48 13.01 18.32
N HIS A 194 -16.30 14.04 18.45
CA HIS A 194 -17.69 13.90 18.09
C HIS A 194 -18.31 15.28 17.98
N SER A 195 -18.83 15.59 16.81
CA SER A 195 -19.49 16.84 16.53
C SER A 195 -20.92 16.69 16.98
N ARG A 196 -21.13 17.03 18.26
CA ARG A 196 -22.35 16.76 18.98
C ARG A 196 -23.54 17.57 18.53
N GLU A 197 -23.36 18.90 18.37
CA GLU A 197 -24.44 19.79 17.92
C GLU A 197 -24.90 19.47 16.52
N VAL A 198 -23.95 19.19 15.63
CA VAL A 198 -24.25 18.67 14.30
C VAL A 198 -25.09 17.38 14.35
N ASP A 199 -24.63 16.42 15.11
CA ASP A 199 -25.37 15.18 15.28
C ASP A 199 -26.79 15.43 15.82
N GLU A 200 -26.93 16.20 16.89
CA GLU A 200 -28.27 16.40 17.48
C GLU A 200 -29.25 17.16 16.59
N ARG A 201 -28.82 18.15 15.83
CA ARG A 201 -29.76 18.92 15.03
C ARG A 201 -30.20 18.04 13.89
N ILE A 202 -29.35 17.16 13.41
CA ILE A 202 -29.76 16.21 12.37
C ILE A 202 -30.76 15.25 12.98
N THR A 203 -30.51 14.83 14.21
CA THR A 203 -31.46 13.95 14.89
C THR A 203 -32.83 14.59 15.05
N TYR A 204 -32.85 15.89 15.34
CA TYR A 204 -34.09 16.61 15.41
C TYR A 204 -34.73 16.69 14.06
N LEU A 205 -33.94 16.90 13.02
CA LEU A 205 -34.48 16.95 11.67
C LEU A 205 -35.11 15.61 11.33
N GLU A 206 -34.47 14.52 11.68
CA GLU A 206 -35.00 13.17 11.35
C GLU A 206 -36.31 12.96 12.07
N LYS A 207 -36.37 13.35 13.36
CA LYS A 207 -37.62 13.33 14.15
C LYS A 207 -38.70 14.20 13.56
N GLY A 208 -38.37 15.41 13.13
CA GLY A 208 -39.31 16.23 12.37
C GLY A 208 -39.95 15.49 11.18
N TYR A 209 -39.10 14.91 10.33
CA TYR A 209 -39.56 14.15 9.18
C TYR A 209 -40.28 12.85 9.58
N GLU A 210 -39.86 12.22 10.68
CA GLU A 210 -40.64 11.09 11.18
C GLU A 210 -42.07 11.53 11.47
N ARG A 211 -42.27 12.68 12.15
CA ARG A 211 -43.61 13.20 12.46
C ARG A 211 -44.47 13.50 11.21
N LEU A 212 -43.85 13.96 10.13
CA LEU A 212 -44.57 14.29 8.87
C LEU A 212 -45.08 13.07 8.13
N SER A 213 -44.32 11.99 8.23
CA SER A 213 -44.65 10.75 7.54
C SER A 213 -45.18 9.69 8.53
N ASN A 214 -45.62 10.14 9.72
CA ASN A 214 -46.26 9.30 10.74
C ASN A 214 -47.41 8.43 10.13
N PRO A 215 -47.25 7.09 10.10
CA PRO A 215 -48.25 6.24 9.41
C PRO A 215 -49.66 6.17 10.06
N THR B 2 32.04 -16.95 -11.41
CA THR B 2 31.08 -15.79 -11.54
C THR B 2 30.47 -15.39 -10.19
N SER B 3 30.28 -14.10 -9.96
CA SER B 3 29.88 -13.66 -8.63
C SER B 3 28.48 -14.19 -8.24
N ARG B 4 28.25 -14.29 -6.94
CA ARG B 4 26.95 -14.75 -6.49
C ARG B 4 25.85 -13.77 -6.89
N LYS B 5 26.09 -12.50 -6.63
CA LYS B 5 25.13 -11.44 -6.94
C LYS B 5 24.74 -11.42 -8.41
N GLU B 6 25.65 -11.83 -9.26
CA GLU B 6 25.46 -11.98 -10.68
C GLU B 6 24.72 -13.26 -10.97
N GLN B 7 24.93 -14.28 -10.17
CA GLN B 7 24.29 -15.55 -10.39
C GLN B 7 22.86 -15.47 -10.05
N LEU B 8 22.57 -14.79 -8.96
CA LEU B 8 21.23 -14.53 -8.51
C LEU B 8 20.44 -13.71 -9.51
N ASP B 9 20.91 -12.50 -9.77
CA ASP B 9 20.28 -11.65 -10.77
C ASP B 9 19.97 -12.40 -12.07
N ALA B 10 20.93 -13.16 -12.57
CA ALA B 10 20.73 -13.92 -13.79
C ALA B 10 19.66 -14.97 -13.58
N PHE B 11 19.63 -15.62 -12.43
CA PHE B 11 18.59 -16.61 -12.21
C PHE B 11 17.19 -15.98 -12.04
N LEU B 12 17.13 -14.88 -11.30
CA LEU B 12 15.85 -14.19 -11.09
C LEU B 12 15.27 -13.69 -12.37
N SER B 13 16.10 -13.17 -13.26
CA SER B 13 15.67 -12.88 -14.65
C SER B 13 15.21 -14.07 -15.46
N ARG B 14 15.90 -15.20 -15.33
CA ARG B 14 15.45 -16.44 -15.99
C ARG B 14 14.10 -16.88 -15.42
N THR B 15 13.87 -16.75 -14.11
CA THR B 15 12.58 -17.06 -13.51
C THR B 15 11.43 -16.26 -14.14
N LEU B 16 11.57 -14.94 -14.13
CA LEU B 16 10.58 -14.01 -14.70
C LEU B 16 10.34 -14.31 -16.16
N SER B 17 11.42 -14.36 -16.91
CA SER B 17 11.37 -14.56 -18.34
C SER B 17 10.73 -15.90 -18.73
N GLU B 18 10.89 -16.90 -17.89
CA GLU B 18 10.29 -18.23 -18.10
C GLU B 18 8.84 -18.23 -17.67
N THR B 19 8.53 -17.50 -16.61
CA THR B 19 7.14 -17.28 -16.23
C THR B 19 6.34 -16.72 -17.42
N ILE B 20 6.87 -15.68 -18.05
CA ILE B 20 6.26 -15.00 -19.18
C ILE B 20 6.13 -15.89 -20.40
N ALA B 21 7.16 -16.67 -20.65
CA ALA B 21 7.12 -17.61 -21.75
C ALA B 21 6.02 -18.65 -21.52
N HIS B 22 5.68 -18.91 -20.27
CA HIS B 22 4.63 -19.89 -19.96
C HIS B 22 3.24 -19.33 -19.79
N ILE B 23 3.06 -18.05 -20.08
CA ILE B 23 1.70 -17.51 -20.31
C ILE B 23 1.91 -16.78 -21.63
N PRO B 24 1.82 -17.51 -22.77
CA PRO B 24 2.13 -16.87 -24.05
C PRO B 24 0.75 -16.57 -24.60
N LEU B 25 0.70 -15.68 -25.56
CA LEU B 25 -0.55 -15.34 -26.24
C LEU B 25 -1.46 -16.51 -26.60
N GLU B 26 -0.89 -17.58 -27.13
CA GLU B 26 -1.74 -18.69 -27.61
C GLU B 26 -2.60 -19.25 -26.49
N LYS B 27 -2.06 -19.37 -25.29
CA LYS B 27 -2.87 -19.83 -24.14
C LYS B 27 -3.88 -18.78 -23.63
N PHE B 28 -3.54 -17.50 -23.74
CA PHE B 28 -4.45 -16.42 -23.43
C PHE B 28 -5.65 -16.50 -24.37
N ALA B 29 -5.40 -16.47 -25.66
CA ALA B 29 -6.47 -16.50 -26.70
C ALA B 29 -7.41 -17.71 -26.61
N GLN B 30 -6.86 -18.87 -26.23
CA GLN B 30 -7.68 -20.08 -26.00
C GLN B 30 -8.73 -19.93 -24.94
N CYS B 31 -8.48 -19.03 -23.98
CA CYS B 31 -9.46 -18.78 -22.90
C CYS B 31 -10.68 -18.00 -23.37
N PHE B 32 -10.60 -17.36 -24.54
CA PHE B 32 -11.69 -16.60 -25.08
C PHE B 32 -12.02 -17.13 -26.52
N PRO B 33 -12.59 -18.34 -26.63
CA PRO B 33 -12.84 -18.94 -27.98
C PRO B 33 -13.71 -18.11 -28.97
N SER B 34 -14.71 -17.39 -28.46
CA SER B 34 -15.63 -16.60 -29.30
C SER B 34 -15.09 -15.28 -29.85
N MET B 35 -13.92 -14.83 -29.40
CA MET B 35 -13.41 -13.55 -29.88
C MET B 35 -12.66 -13.68 -31.22
N LYS B 36 -13.11 -12.85 -32.15
CA LYS B 36 -12.69 -12.86 -33.54
C LYS B 36 -11.69 -11.77 -33.84
N LYS B 37 -11.71 -10.66 -33.09
CA LYS B 37 -10.62 -9.69 -33.18
C LYS B 37 -9.46 -10.33 -32.40
N GLY B 38 -8.66 -11.14 -33.09
CA GLY B 38 -7.46 -11.69 -32.52
C GLY B 38 -6.50 -10.57 -32.19
N LYS B 39 -6.52 -9.52 -33.02
CA LYS B 39 -5.70 -8.31 -32.79
C LYS B 39 -5.92 -7.67 -31.39
N VAL B 40 -7.16 -7.50 -30.98
CA VAL B 40 -7.46 -6.85 -29.70
C VAL B 40 -6.95 -7.70 -28.53
N ILE B 41 -7.22 -8.99 -28.58
CA ILE B 41 -6.72 -9.95 -27.60
C ILE B 41 -5.20 -9.90 -27.44
N ALA B 42 -4.50 -9.75 -28.57
CA ALA B 42 -3.04 -9.70 -28.61
C ALA B 42 -2.54 -8.43 -28.01
N VAL B 43 -3.20 -7.30 -28.27
CA VAL B 43 -2.77 -6.00 -27.69
C VAL B 43 -2.92 -6.04 -26.17
N ILE B 44 -3.98 -6.70 -25.71
CA ILE B 44 -4.29 -6.87 -24.30
C ILE B 44 -3.26 -7.75 -23.62
N HIS B 45 -2.96 -8.87 -24.23
CA HIS B 45 -1.90 -9.76 -23.76
C HIS B 45 -0.53 -9.08 -23.75
N GLN B 46 -0.20 -8.38 -24.81
CA GLN B 46 1.06 -7.62 -24.86
C GLN B 46 1.19 -6.55 -23.77
N GLN B 47 0.09 -5.89 -23.42
CA GLN B 47 0.09 -4.90 -22.34
C GLN B 47 0.20 -5.51 -20.93
N LEU B 48 -0.43 -6.65 -20.72
CA LEU B 48 -0.17 -7.45 -19.56
C LEU B 48 1.35 -7.78 -19.40
N ILE B 49 1.91 -8.43 -20.41
CA ILE B 49 3.29 -8.91 -20.30
C ILE B 49 4.25 -7.74 -20.04
N GLU B 50 4.03 -6.61 -20.73
CA GLU B 50 4.85 -5.41 -20.52
C GLU B 50 4.66 -4.79 -19.12
N PHE B 51 3.44 -4.68 -18.61
CA PHE B 51 3.24 -4.20 -17.27
C PHE B 51 3.98 -5.09 -16.32
N PHE B 52 3.74 -6.40 -16.42
CA PHE B 52 4.23 -7.35 -15.43
C PHE B 52 5.75 -7.42 -15.40
N GLU B 53 6.33 -7.61 -16.57
CA GLU B 53 7.78 -7.69 -16.72
C GLU B 53 8.50 -6.46 -16.20
N LYS B 54 8.09 -5.27 -16.66
CA LYS B 54 8.72 -4.01 -16.25
C LYS B 54 8.50 -3.69 -14.80
N SER B 55 7.31 -4.01 -14.31
CA SER B 55 7.05 -3.74 -12.91
C SER B 55 7.83 -4.72 -12.04
N CYS B 56 7.91 -5.97 -12.47
CA CYS B 56 8.72 -6.94 -11.74
C CYS B 56 10.18 -6.50 -11.63
N LYS B 57 10.77 -6.12 -12.74
CA LYS B 57 12.17 -5.72 -12.77
C LYS B 57 12.44 -4.51 -11.91
N GLN B 58 11.53 -3.56 -11.94
CA GLN B 58 11.65 -2.36 -11.11
C GLN B 58 11.57 -2.72 -9.63
N GLU B 59 10.66 -3.60 -9.27
CA GLU B 59 10.51 -3.96 -7.87
C GLU B 59 11.69 -4.78 -7.35
N TYR B 60 12.15 -5.72 -8.16
CA TYR B 60 13.26 -6.53 -7.80
C TYR B 60 14.55 -5.70 -7.66
N ALA B 61 14.74 -4.69 -8.50
CA ALA B 61 15.88 -3.78 -8.32
C ALA B 61 15.84 -3.08 -6.96
N ASN B 62 14.68 -2.57 -6.58
CA ASN B 62 14.47 -1.90 -5.32
C ASN B 62 14.66 -2.76 -4.10
N LEU B 63 14.14 -3.98 -4.12
CA LEU B 63 14.30 -4.85 -2.96
C LEU B 63 15.75 -5.25 -2.77
N ILE B 64 16.42 -5.46 -3.88
CA ILE B 64 17.81 -5.82 -3.87
C ILE B 64 18.64 -4.75 -3.19
N LYS B 65 18.41 -3.48 -3.55
CA LYS B 65 19.01 -2.33 -2.82
C LYS B 65 18.57 -2.18 -1.38
N GLU B 66 17.28 -2.13 -1.16
CA GLU B 66 16.75 -2.05 0.22
C GLU B 66 17.45 -3.08 1.13
N ARG B 67 17.51 -4.34 0.69
CA ARG B 67 18.04 -5.43 1.54
C ARG B 67 19.56 -5.58 1.54
N ASP B 68 20.22 -4.70 0.79
CA ASP B 68 21.68 -4.68 0.64
C ASP B 68 22.36 -5.98 0.24
N LEU B 69 21.68 -6.79 -0.57
CA LEU B 69 22.15 -8.12 -0.94
C LEU B 69 23.52 -8.25 -1.65
N ASN B 70 23.81 -7.31 -2.51
CA ASN B 70 25.06 -7.38 -3.27
C ASN B 70 26.30 -7.38 -2.40
N LYS B 71 26.38 -6.43 -1.46
CA LYS B 71 27.48 -6.38 -0.49
C LYS B 71 27.53 -7.68 0.26
N LYS B 72 26.40 -8.09 0.78
CA LYS B 72 26.28 -9.39 1.44
C LYS B 72 26.80 -10.58 0.62
N LEU B 73 26.42 -10.69 -0.65
CA LEU B 73 26.80 -11.85 -1.43
C LEU B 73 28.24 -11.74 -1.87
N ASP B 74 28.70 -10.51 -2.06
CA ASP B 74 30.13 -10.26 -2.28
C ASP B 74 31.00 -10.68 -1.08
N MET B 75 30.54 -10.35 0.14
CA MET B 75 31.15 -10.81 1.38
C MET B 75 31.21 -12.33 1.52
N LEU B 76 30.14 -13.01 1.15
CA LEU B 76 30.15 -14.46 1.07
C LEU B 76 31.15 -14.98 0.05
N ASP B 77 31.18 -14.44 -1.14
CA ASP B 77 32.14 -14.93 -2.09
C ASP B 77 33.54 -14.85 -1.51
N GLU B 78 33.74 -13.78 -0.79
CA GLU B 78 34.98 -13.39 -0.20
C GLU B 78 35.32 -14.36 0.90
N CYS B 79 34.38 -14.60 1.77
CA CYS B 79 34.52 -15.54 2.84
C CYS B 79 34.83 -16.95 2.40
N ILE B 80 34.51 -17.28 1.18
CA ILE B 80 34.84 -18.56 0.57
C ILE B 80 36.19 -18.44 -0.13
N HIS B 81 36.52 -17.28 -0.67
CA HIS B 81 37.84 -17.10 -1.29
C HIS B 81 38.96 -17.21 -0.23
N ASP B 82 38.71 -16.53 0.86
CA ASP B 82 39.55 -16.49 1.98
C ASP B 82 39.82 -17.89 2.52
N ALA B 83 38.77 -18.71 2.63
CA ALA B 83 38.90 -20.10 3.07
C ALA B 83 39.71 -20.94 2.13
N GLU B 84 39.58 -20.70 0.84
CA GLU B 84 40.38 -21.42 -0.15
C GLU B 84 41.85 -21.08 0.02
N PHE B 85 42.13 -19.78 0.08
CA PHE B 85 43.46 -19.23 0.35
C PHE B 85 44.10 -19.88 1.57
N ARG B 86 43.41 -19.98 2.70
CA ARG B 86 43.96 -20.66 3.91
C ARG B 86 44.17 -22.17 3.77
N LYS B 87 43.22 -22.87 3.18
CA LYS B 87 43.43 -24.27 2.80
C LYS B 87 44.64 -24.39 1.92
N LEU B 88 44.89 -23.40 1.07
CA LEU B 88 46.11 -23.39 0.27
C LEU B 88 47.38 -23.00 1.09
N HIS B 89 47.29 -21.91 1.84
CA HIS B 89 48.40 -21.30 2.61
C HIS B 89 48.05 -21.24 4.14
N LYS B 106 37.75 -5.80 19.71
CA LYS B 106 38.05 -4.56 18.96
C LYS B 106 37.66 -4.63 17.48
N ALA B 107 38.00 -5.74 16.83
CA ALA B 107 37.78 -5.90 15.40
C ALA B 107 36.33 -6.21 15.10
N HIS B 108 35.80 -7.29 15.71
CA HIS B 108 34.37 -7.66 15.66
C HIS B 108 33.37 -6.82 16.51
N LEU B 109 33.93 -5.96 17.37
CA LEU B 109 33.31 -4.76 17.91
C LEU B 109 32.93 -3.69 16.89
N TYR B 110 33.95 -3.11 16.27
CA TYR B 110 33.78 -2.17 15.16
C TYR B 110 32.85 -2.67 14.02
N SER B 111 32.85 -3.97 13.73
CA SER B 111 31.92 -4.53 12.70
C SER B 111 30.44 -4.45 13.10
N HIS B 112 30.15 -4.70 14.38
CA HIS B 112 28.82 -4.53 14.99
C HIS B 112 28.36 -3.06 14.94
N LYS B 113 29.25 -2.18 15.39
CA LYS B 113 29.03 -0.75 15.35
C LYS B 113 28.84 -0.25 13.90
N ARG B 114 29.62 -0.77 12.96
CA ARG B 114 29.39 -0.50 11.54
C ARG B 114 27.98 -0.96 11.13
N GLU B 115 27.59 -2.17 11.56
CA GLU B 115 26.28 -2.73 11.18
C GLU B 115 25.11 -1.93 11.80
N LEU B 116 25.26 -1.56 13.06
CA LEU B 116 24.29 -0.76 13.79
C LEU B 116 24.14 0.62 13.17
N LEU B 117 25.26 1.27 12.83
CA LEU B 117 25.20 2.59 12.18
C LEU B 117 24.54 2.49 10.78
N ASP B 118 24.82 1.43 10.04
CA ASP B 118 24.11 1.16 8.77
C ASP B 118 22.61 1.11 8.98
N LYS B 119 22.20 0.41 10.04
CA LYS B 119 20.79 0.22 10.43
C LYS B 119 20.08 1.55 10.82
N LEU B 120 20.64 2.29 11.76
CA LEU B 120 20.11 3.62 12.09
C LEU B 120 19.93 4.48 10.87
N ASN B 121 20.98 4.62 10.09
CA ASN B 121 20.90 5.36 8.85
C ASN B 121 19.86 4.84 7.88
N GLN B 122 19.67 3.53 7.77
CA GLN B 122 18.50 3.02 7.05
C GLN B 122 17.22 3.55 7.73
N ASP B 123 17.09 3.30 9.03
CA ASP B 123 15.91 3.73 9.80
C ASP B 123 15.61 5.22 9.65
N LEU B 124 16.61 6.11 9.71
CA LEU B 124 16.38 7.55 9.50
C LEU B 124 15.80 7.89 8.14
N LEU B 125 16.15 7.10 7.13
CA LEU B 125 15.60 7.29 5.80
C LEU B 125 14.18 6.76 5.74
N ASP B 126 13.90 5.62 6.38
CA ASP B 126 12.56 5.02 6.40
C ASP B 126 11.51 5.88 7.10
N ILE B 127 11.89 6.58 8.18
CA ILE B 127 10.89 7.36 8.95
C ILE B 127 10.64 8.70 8.30
N ASP B 128 11.61 9.29 7.60
CA ASP B 128 11.35 10.46 6.73
C ASP B 128 10.28 10.12 5.69
N LYS B 129 10.40 8.96 5.06
CA LYS B 129 9.41 8.49 4.10
C LYS B 129 8.03 8.23 4.72
N GLU B 130 7.98 7.49 5.84
CA GLU B 130 6.72 7.15 6.52
C GLU B 130 6.00 8.43 6.99
N ASN B 131 6.78 9.36 7.51
CA ASN B 131 6.30 10.63 7.99
C ASN B 131 5.83 11.49 6.86
N GLU B 132 6.37 11.28 5.68
CA GLU B 132 5.89 11.99 4.53
C GLU B 132 4.58 11.41 4.13
N GLY B 133 4.46 10.11 4.11
CA GLY B 133 3.20 9.49 3.78
C GLY B 133 2.15 9.96 4.74
N LEU B 134 2.46 9.87 6.01
CA LEU B 134 1.56 10.39 7.05
C LEU B 134 1.09 11.84 6.79
N SER B 135 2.01 12.76 6.54
CA SER B 135 1.61 14.15 6.26
C SER B 135 0.72 14.29 5.03
N THR B 136 0.91 13.43 4.04
CA THR B 136 0.14 13.44 2.79
C THR B 136 -1.25 12.87 3.03
N GLN B 137 -1.32 11.68 3.64
CA GLN B 137 -2.58 11.05 4.06
C GLN B 137 -3.51 11.93 4.93
N ILE B 138 -2.90 12.75 5.81
CA ILE B 138 -3.59 13.82 6.56
C ILE B 138 -4.22 14.81 5.60
N ALA B 139 -3.38 15.48 4.80
CA ALA B 139 -3.82 16.47 3.80
C ALA B 139 -5.01 15.98 2.94
N ALA B 140 -5.02 14.68 2.61
CA ALA B 140 -6.16 14.06 1.89
C ALA B 140 -7.39 13.87 2.78
N GLU B 141 -7.17 13.63 4.06
CA GLU B 141 -8.26 13.52 4.99
C GLU B 141 -8.87 14.93 5.17
N GLU B 142 -8.07 15.98 5.32
CA GLU B 142 -8.54 17.37 5.35
C GLU B 142 -9.44 17.70 4.15
N LYS B 143 -8.88 17.53 2.95
CA LYS B 143 -9.59 17.83 1.70
C LYS B 143 -10.89 17.04 1.57
N ALA B 144 -10.94 15.79 2.04
CA ALA B 144 -12.13 14.96 1.87
C ALA B 144 -13.25 15.36 2.85
N THR B 145 -12.88 15.86 4.04
CA THR B 145 -13.88 16.34 4.99
C THR B 145 -14.37 17.73 4.55
N GLU B 146 -13.48 18.63 4.15
CA GLU B 146 -13.88 19.89 3.50
C GLU B 146 -14.84 19.71 2.31
N ASP B 147 -14.67 18.67 1.52
CA ASP B 147 -15.59 18.40 0.42
C ASP B 147 -16.92 17.88 0.94
N CYS B 148 -16.88 16.99 1.92
CA CYS B 148 -18.10 16.49 2.53
C CYS B 148 -18.88 17.63 3.23
N ILE B 149 -18.20 18.64 3.78
CA ILE B 149 -18.87 19.77 4.41
C ILE B 149 -19.53 20.74 3.41
N SER B 150 -18.86 21.07 2.32
CA SER B 150 -19.50 21.89 1.26
C SER B 150 -20.70 21.16 0.70
N ARG B 151 -20.61 19.84 0.59
CA ARG B 151 -21.78 19.08 0.15
C ARG B 151 -22.87 19.17 1.19
N MET B 152 -22.51 18.99 2.47
CA MET B 152 -23.43 19.22 3.56
C MET B 152 -24.10 20.62 3.45
N GLN B 153 -23.32 21.69 3.26
CA GLN B 153 -23.89 23.04 3.33
C GLN B 153 -25.02 23.30 2.27
N SER B 154 -24.91 22.67 1.11
CA SER B 154 -25.86 22.89 0.01
C SER B 154 -26.99 21.91 0.02
N LEU B 155 -26.76 20.73 0.60
CA LEU B 155 -27.88 19.84 0.95
C LEU B 155 -28.79 20.50 1.99
N ILE B 156 -28.20 21.21 2.96
CA ILE B 156 -28.97 21.99 3.94
C ILE B 156 -29.79 23.04 3.20
N GLN B 157 -29.20 23.76 2.26
CA GLN B 157 -29.98 24.75 1.49
C GLN B 157 -31.10 24.15 0.68
N LYS B 158 -30.83 23.02 0.08
CA LYS B 158 -31.89 22.27 -0.61
C LYS B 158 -33.01 21.80 0.33
N LEU B 159 -32.69 21.40 1.55
CA LEU B 159 -33.76 21.04 2.50
C LEU B 159 -34.58 22.25 2.91
N GLU B 160 -33.93 23.37 3.13
CA GLU B 160 -34.59 24.67 3.33
C GLU B 160 -35.67 24.98 2.25
N LYS B 161 -35.30 24.88 0.97
CA LYS B 161 -36.26 25.08 -0.12
C LYS B 161 -37.45 24.13 -0.05
N THR B 162 -37.20 22.86 0.22
CA THR B 162 -38.28 21.88 0.25
C THR B 162 -39.25 22.17 1.37
N VAL B 163 -38.72 22.56 2.52
CA VAL B 163 -39.59 22.93 3.65
C VAL B 163 -40.35 24.24 3.34
N TYR B 164 -39.70 25.29 2.84
CA TYR B 164 -40.50 26.47 2.36
C TYR B 164 -41.55 26.05 1.39
N GLY B 165 -41.20 25.14 0.48
CA GLY B 165 -42.16 24.64 -0.50
C GLY B 165 -43.33 23.89 0.11
N MET B 166 -43.12 23.13 1.18
CA MET B 166 -44.22 22.49 1.90
C MET B 166 -45.13 23.60 2.50
N ASN B 167 -44.54 24.63 3.10
CA ASN B 167 -45.37 25.78 3.57
C ASN B 167 -46.16 26.44 2.46
N GLU B 168 -45.55 26.62 1.30
CA GLU B 168 -46.19 27.28 0.21
C GLU B 168 -47.35 26.46 -0.33
N LYS B 169 -47.15 25.16 -0.49
CA LYS B 169 -48.26 24.21 -0.76
C LYS B 169 -49.47 24.32 0.19
N ASN B 170 -49.19 24.50 1.48
CA ASN B 170 -50.24 24.75 2.48
C ASN B 170 -51.17 25.97 2.26
N LEU B 171 -50.70 27.02 1.60
CA LEU B 171 -51.51 28.18 1.34
C LEU B 171 -52.67 27.92 0.32
N ALA B 172 -52.58 26.84 -0.50
CA ALA B 172 -53.58 26.54 -1.56
C ALA B 172 -54.86 25.80 -1.09
#